data_6ZZK
#
_entry.id   6ZZK
#
_cell.length_a   132.127
_cell.length_b   132.127
_cell.length_c   132.127
_cell.angle_alpha   90
_cell.angle_beta   90
_cell.angle_gamma   90
#
_symmetry.space_group_name_H-M   'P 21 3'
#
loop_
_entity.id
_entity.type
_entity.pdbx_description
1 polymer 'Dihydrolipoyllysine-residue acetyltransferase component of pyruvate dehydrogenase complex'
2 non-polymer 'COENZYME A'
3 non-polymer '6,8-DIMERCAPTO-OCTANOIC ACID AMIDE'
4 water water
#
_entity_poly.entity_id   1
_entity_poly.type   'polypeptide(L)'
_entity_poly.pdbx_seq_one_letter_code
;GSLRGTTQKVNRIREITAMKTVEALQISAQLTQLHEVDMTRVAELRKKNKPAFIEKHGVNLTYLPFFVKAVVEALVSHPN
VNASFNAKTKEMTYHSSVNLSIAVDTPAGLLTPVIHDAQDLSIPEIAKAIVDLADRSRNNKLKPNDLSGGTFTITNIGSE
GALSDTPILVPPQAGILGTGAIVKRPVVITEDGIDSIAIRQMVFLPLTYDHQVVDGADAGRFLTTIKDRLETANFEGDLQ
L
;
_entity_poly.pdbx_strand_id   A,B
#
# COMPACT_ATOMS: atom_id res chain seq x y z
N SER A 2 -22.17 34.18 4.65
CA SER A 2 -20.75 34.43 4.37
C SER A 2 -20.35 33.90 2.97
N LEU A 3 -20.67 32.63 2.67
CA LEU A 3 -20.32 32.03 1.39
C LEU A 3 -21.22 32.54 0.27
N ARG A 4 -22.50 32.71 0.55
CA ARG A 4 -23.53 33.15 -0.38
C ARG A 4 -23.14 34.39 -1.19
N GLY A 5 -23.13 34.24 -2.50
CA GLY A 5 -22.79 35.34 -3.40
C GLY A 5 -21.29 35.50 -3.62
N THR A 6 -20.50 34.47 -3.31
CA THR A 6 -19.05 34.55 -3.50
C THR A 6 -18.52 33.40 -4.36
N THR A 7 -17.32 33.56 -4.93
CA THR A 7 -16.60 32.55 -5.68
C THR A 7 -15.27 32.41 -4.98
N GLN A 8 -14.95 31.20 -4.48
CA GLN A 8 -13.71 31.01 -3.73
C GLN A 8 -12.99 29.76 -4.14
N LYS A 9 -11.65 29.80 -4.09
CA LYS A 9 -10.82 28.63 -4.40
C LYS A 9 -11.05 27.59 -3.30
N VAL A 10 -11.31 26.35 -3.68
CA VAL A 10 -11.56 25.30 -2.69
C VAL A 10 -10.28 24.87 -1.98
N ASN A 11 -10.42 24.31 -0.76
CA ASN A 11 -9.26 23.80 -0.04
C ASN A 11 -8.73 22.51 -0.73
N ARG A 12 -7.56 22.02 -0.35
CA ARG A 12 -6.95 20.87 -0.99
C ARG A 12 -7.77 19.56 -0.84
N ILE A 13 -8.41 19.33 0.31
CA ILE A 13 -9.19 18.11 0.52
C ILE A 13 -10.36 18.04 -0.47
N ARG A 14 -11.06 19.16 -0.67
CA ARG A 14 -12.19 19.30 -1.58
C ARG A 14 -11.71 19.11 -3.02
N GLU A 15 -10.59 19.74 -3.39
CA GLU A 15 -10.03 19.62 -4.74
C GLU A 15 -9.69 18.14 -5.05
N ILE A 16 -9.05 17.46 -4.10
CA ILE A 16 -8.68 16.04 -4.27
C ILE A 16 -9.92 15.17 -4.37
N THR A 17 -10.91 15.37 -3.48
CA THR A 17 -12.14 14.61 -3.52
C THR A 17 -12.86 14.79 -4.87
N ALA A 18 -12.96 16.03 -5.35
CA ALA A 18 -13.61 16.31 -6.62
C ALA A 18 -12.93 15.54 -7.78
N MET A 19 -11.60 15.56 -7.82
CA MET A 19 -10.80 14.91 -8.84
C MET A 19 -10.91 13.37 -8.74
N LYS A 20 -10.73 12.82 -7.53
CA LYS A 20 -10.76 11.38 -7.31
C LYS A 20 -12.12 10.73 -7.59
N THR A 21 -13.20 11.38 -7.16
CA THR A 21 -14.53 10.77 -7.32
C THR A 21 -14.99 10.77 -8.78
N VAL A 22 -14.71 11.84 -9.54
CA VAL A 22 -15.08 11.89 -10.96
C VAL A 22 -14.31 10.82 -11.73
N GLU A 23 -12.99 10.74 -11.47
CA GLU A 23 -12.16 9.74 -12.13
C GLU A 23 -12.58 8.32 -11.75
N ALA A 24 -12.80 8.05 -10.45
CA ALA A 24 -13.13 6.71 -9.95
C ALA A 24 -14.27 6.05 -10.72
N LEU A 25 -15.33 6.81 -11.03
CA LEU A 25 -16.50 6.30 -11.74
C LEU A 25 -16.18 5.92 -13.19
N GLN A 26 -15.20 6.58 -13.80
CA GLN A 26 -14.82 6.31 -15.18
C GLN A 26 -13.89 5.11 -15.36
N ILE A 27 -13.25 4.64 -14.29
CA ILE A 27 -12.32 3.51 -14.38
C ILE A 27 -12.81 2.28 -13.60
N SER A 28 -14.10 2.22 -13.32
CA SER A 28 -14.73 1.11 -12.63
C SER A 28 -16.19 0.98 -13.12
N ALA A 29 -16.86 -0.10 -12.73
CA ALA A 29 -18.25 -0.31 -13.13
C ALA A 29 -19.06 -0.41 -11.85
N GLN A 30 -19.41 0.73 -11.27
CA GLN A 30 -20.07 0.76 -9.97
C GLN A 30 -21.58 0.56 -10.01
N LEU A 31 -22.06 -0.24 -9.07
CA LEU A 31 -23.47 -0.49 -8.82
C LEU A 31 -23.69 -0.78 -7.33
N THR A 32 -24.89 -0.51 -6.82
CA THR A 32 -25.15 -0.62 -5.39
C THR A 32 -26.27 -1.59 -5.07
N GLN A 33 -25.93 -2.70 -4.37
CA GLN A 33 -26.89 -3.71 -3.96
C GLN A 33 -27.32 -3.45 -2.52
N LEU A 34 -28.62 -3.57 -2.22
CA LEU A 34 -29.13 -3.25 -0.90
C LEU A 34 -29.76 -4.44 -0.20
N HIS A 35 -29.34 -4.70 1.05
CA HIS A 35 -29.92 -5.73 1.90
C HIS A 35 -30.41 -5.06 3.19
N GLU A 36 -31.36 -5.69 3.89
CA GLU A 36 -31.85 -5.17 5.18
C GLU A 36 -31.43 -6.17 6.28
N VAL A 37 -31.01 -5.65 7.45
CA VAL A 37 -30.50 -6.49 8.52
C VAL A 37 -31.23 -6.13 9.82
N ASP A 38 -31.61 -7.14 10.59
CA ASP A 38 -32.27 -6.93 11.88
C ASP A 38 -31.16 -6.76 12.93
N MET A 39 -30.94 -5.51 13.37
CA MET A 39 -29.94 -5.11 14.35
C MET A 39 -30.43 -5.15 15.80
N THR A 40 -31.65 -5.67 16.06
CA THR A 40 -32.18 -5.67 17.45
C THR A 40 -31.26 -6.32 18.46
N ARG A 41 -30.75 -7.53 18.16
CA ARG A 41 -29.88 -8.23 19.10
C ARG A 41 -28.59 -7.47 19.38
N VAL A 42 -28.02 -6.83 18.35
CA VAL A 42 -26.81 -6.01 18.54
C VAL A 42 -27.14 -4.79 19.40
N ALA A 43 -28.28 -4.12 19.11
CA ALA A 43 -28.73 -2.96 19.89
C ALA A 43 -28.91 -3.31 21.37
N GLU A 44 -29.52 -4.48 21.68
CA GLU A 44 -29.73 -4.91 23.07
C GLU A 44 -28.40 -5.23 23.75
N LEU A 45 -27.50 -5.90 23.03
CA LEU A 45 -26.18 -6.25 23.56
C LEU A 45 -25.36 -4.98 23.83
N ARG A 46 -25.43 -4.02 22.92
CA ARG A 46 -24.74 -2.76 23.02
C ARG A 46 -25.22 -1.95 24.23
N LYS A 47 -26.56 -1.85 24.42
CA LYS A 47 -27.18 -1.11 25.52
C LYS A 47 -26.80 -1.71 26.87
N LYS A 48 -26.82 -3.03 26.97
CA LYS A 48 -26.49 -3.75 28.19
C LYS A 48 -25.02 -3.62 28.59
N ASN A 49 -24.10 -3.63 27.60
CA ASN A 49 -22.67 -3.61 27.89
C ASN A 49 -21.98 -2.26 27.73
N LYS A 50 -22.68 -1.21 27.28
CA LYS A 50 -22.09 0.12 27.10
C LYS A 50 -21.36 0.65 28.36
N PRO A 51 -21.97 0.66 29.57
CA PRO A 51 -21.24 1.16 30.76
C PRO A 51 -19.96 0.38 31.07
N ALA A 52 -19.99 -0.96 31.01
CA ALA A 52 -18.79 -1.77 31.28
C ALA A 52 -17.71 -1.59 30.20
N PHE A 53 -18.12 -1.30 28.96
CA PHE A 53 -17.19 -1.09 27.86
C PHE A 53 -16.42 0.23 28.02
N ILE A 54 -17.11 1.32 28.35
CA ILE A 54 -16.45 2.61 28.54
C ILE A 54 -15.50 2.53 29.75
N GLU A 55 -15.93 1.86 30.82
CA GLU A 55 -15.13 1.73 32.04
C GLU A 55 -13.84 0.96 31.81
N LYS A 56 -13.89 -0.15 31.04
CA LYS A 56 -12.70 -0.95 30.79
C LYS A 56 -11.82 -0.46 29.64
N HIS A 57 -12.42 -0.09 28.51
CA HIS A 57 -11.66 0.27 27.32
C HIS A 57 -11.49 1.78 27.08
N GLY A 58 -12.15 2.62 27.88
CA GLY A 58 -12.01 4.06 27.76
C GLY A 58 -12.70 4.74 26.59
N VAL A 59 -13.41 3.99 25.72
CA VAL A 59 -14.12 4.60 24.58
C VAL A 59 -15.59 4.18 24.57
N ASN A 60 -16.45 5.02 23.97
CA ASN A 60 -17.88 4.72 23.85
C ASN A 60 -18.08 3.54 22.89
N LEU A 61 -19.08 2.70 23.16
CA LEU A 61 -19.37 1.56 22.30
C LEU A 61 -20.50 1.92 21.34
N THR A 62 -20.18 2.18 20.07
CA THR A 62 -21.18 2.52 19.06
C THR A 62 -21.50 1.23 18.22
N TYR A 63 -22.33 1.33 17.18
CA TYR A 63 -22.63 0.19 16.31
C TYR A 63 -21.49 -0.13 15.34
N LEU A 64 -20.69 0.90 14.97
CA LEU A 64 -19.62 0.76 13.99
C LEU A 64 -18.63 -0.38 14.26
N PRO A 65 -18.11 -0.64 15.49
CA PRO A 65 -17.21 -1.78 15.66
C PRO A 65 -17.87 -3.14 15.38
N PHE A 66 -19.20 -3.26 15.54
CA PHE A 66 -19.91 -4.51 15.24
C PHE A 66 -19.97 -4.69 13.72
N PHE A 67 -20.27 -3.60 12.97
CA PHE A 67 -20.29 -3.64 11.52
C PHE A 67 -18.88 -3.97 11.00
N VAL A 68 -17.84 -3.32 11.56
CA VAL A 68 -16.46 -3.56 11.16
C VAL A 68 -16.05 -5.02 11.40
N LYS A 69 -16.33 -5.57 12.60
CA LYS A 69 -15.98 -6.96 12.89
C LYS A 69 -16.62 -7.94 11.89
N ALA A 70 -17.95 -7.81 11.63
CA ALA A 70 -18.65 -8.67 10.69
C ALA A 70 -18.13 -8.52 9.26
N VAL A 71 -17.86 -7.28 8.83
CA VAL A 71 -17.36 -7.01 7.48
C VAL A 71 -15.94 -7.58 7.27
N VAL A 72 -15.04 -7.37 8.22
CA VAL A 72 -13.69 -7.87 8.14
C VAL A 72 -13.65 -9.41 8.09
N GLU A 73 -14.47 -10.09 8.91
CA GLU A 73 -14.55 -11.57 8.86
C GLU A 73 -15.10 -12.00 7.49
N ALA A 74 -16.10 -11.28 6.93
CA ALA A 74 -16.66 -11.62 5.63
C ALA A 74 -15.63 -11.42 4.50
N LEU A 75 -14.76 -10.42 4.62
CA LEU A 75 -13.72 -10.18 3.62
C LEU A 75 -12.64 -11.29 3.63
N VAL A 76 -12.45 -11.94 4.79
CA VAL A 76 -11.51 -13.06 4.90
C VAL A 76 -12.18 -14.29 4.27
N SER A 77 -13.47 -14.53 4.55
CA SER A 77 -14.14 -15.72 3.98
C SER A 77 -14.63 -15.53 2.53
N HIS A 78 -14.64 -14.29 2.03
CA HIS A 78 -14.95 -13.99 0.63
C HIS A 78 -13.74 -13.23 0.07
N PRO A 79 -12.62 -13.93 -0.17
CA PRO A 79 -11.42 -13.23 -0.68
C PRO A 79 -11.60 -12.56 -2.04
N ASN A 80 -12.57 -13.03 -2.83
CA ASN A 80 -12.90 -12.44 -4.14
C ASN A 80 -13.37 -10.98 -4.03
N VAL A 81 -13.88 -10.56 -2.84
CA VAL A 81 -14.31 -9.18 -2.59
C VAL A 81 -13.14 -8.31 -2.10
N ASN A 82 -12.22 -8.90 -1.30
CA ASN A 82 -11.04 -8.18 -0.77
C ASN A 82 -9.97 -8.29 -1.84
N ALA A 83 -10.24 -7.70 -3.01
CA ALA A 83 -9.41 -7.88 -4.18
C ALA A 83 -9.35 -6.62 -5.06
N SER A 84 -8.39 -6.57 -5.99
CA SER A 84 -8.17 -5.47 -6.91
C SER A 84 -7.96 -6.02 -8.32
N PHE A 85 -8.51 -5.37 -9.34
CA PHE A 85 -8.36 -5.81 -10.72
C PHE A 85 -7.45 -4.87 -11.51
N ASN A 86 -6.50 -5.43 -12.23
CA ASN A 86 -5.61 -4.62 -13.07
C ASN A 86 -6.15 -4.79 -14.49
N ALA A 87 -6.82 -3.74 -15.02
CA ALA A 87 -7.43 -3.81 -16.35
C ALA A 87 -6.42 -3.92 -17.50
N LYS A 88 -5.17 -3.55 -17.27
CA LYS A 88 -4.12 -3.67 -18.28
C LYS A 88 -3.65 -5.12 -18.45
N THR A 89 -3.36 -5.83 -17.35
CA THR A 89 -2.88 -7.22 -17.44
C THR A 89 -3.96 -8.27 -17.30
N LYS A 90 -5.20 -7.87 -16.92
CA LYS A 90 -6.33 -8.76 -16.66
C LYS A 90 -6.05 -9.67 -15.46
N GLU A 91 -5.27 -9.19 -14.48
CA GLU A 91 -4.97 -9.99 -13.29
C GLU A 91 -5.72 -9.49 -12.09
N MET A 92 -6.24 -10.41 -11.27
CA MET A 92 -6.89 -10.06 -10.02
C MET A 92 -5.90 -10.33 -8.88
N THR A 93 -5.74 -9.37 -7.97
CA THR A 93 -4.89 -9.52 -6.81
C THR A 93 -5.83 -9.72 -5.62
N TYR A 94 -5.71 -10.85 -4.92
CA TYR A 94 -6.53 -11.18 -3.76
C TYR A 94 -5.67 -10.83 -2.56
N HIS A 95 -6.00 -9.75 -1.84
CA HIS A 95 -5.16 -9.29 -0.72
C HIS A 95 -5.22 -10.20 0.50
N SER A 96 -4.08 -10.41 1.16
CA SER A 96 -4.05 -11.21 2.39
C SER A 96 -4.41 -10.33 3.61
N SER A 97 -4.08 -9.04 3.58
CA SER A 97 -4.46 -8.12 4.63
C SER A 97 -5.84 -7.53 4.34
N VAL A 98 -6.60 -7.24 5.39
CA VAL A 98 -7.84 -6.50 5.26
C VAL A 98 -7.50 -5.10 5.81
N ASN A 99 -7.26 -4.13 4.94
CA ASN A 99 -6.94 -2.77 5.40
C ASN A 99 -8.23 -1.99 5.24
N LEU A 100 -8.93 -1.78 6.34
CA LEU A 100 -10.27 -1.19 6.30
C LEU A 100 -10.31 0.35 6.38
N SER A 101 -10.72 0.99 5.29
CA SER A 101 -10.90 2.44 5.26
C SER A 101 -12.19 2.79 5.97
N ILE A 102 -12.17 3.89 6.73
CA ILE A 102 -13.34 4.40 7.45
C ILE A 102 -13.56 5.83 7.01
N ALA A 103 -14.73 6.16 6.45
CA ALA A 103 -15.04 7.53 6.07
C ALA A 103 -15.25 8.37 7.34
N VAL A 104 -14.58 9.52 7.40
CA VAL A 104 -14.64 10.38 8.57
C VAL A 104 -15.04 11.79 8.12
N ASP A 105 -16.14 12.28 8.62
CA ASP A 105 -16.62 13.62 8.31
C ASP A 105 -15.81 14.63 9.13
N THR A 106 -15.15 15.59 8.47
CA THR A 106 -14.40 16.64 9.18
C THR A 106 -14.89 18.02 8.66
N PRO A 107 -14.70 19.10 9.43
CA PRO A 107 -15.12 20.43 8.94
C PRO A 107 -14.46 20.86 7.61
N ALA A 108 -13.22 20.46 7.34
CA ALA A 108 -12.56 20.78 6.06
C ALA A 108 -12.95 19.81 4.90
N GLY A 109 -13.72 18.77 5.18
CA GLY A 109 -14.12 17.80 4.18
C GLY A 109 -13.94 16.36 4.61
N LEU A 110 -14.47 15.46 3.80
CA LEU A 110 -14.40 14.02 4.02
C LEU A 110 -12.98 13.47 3.88
N LEU A 111 -12.57 12.65 4.86
CA LEU A 111 -11.27 11.98 4.79
C LEU A 111 -11.51 10.47 4.94
N THR A 112 -10.66 9.63 4.34
CA THR A 112 -10.84 8.17 4.48
C THR A 112 -9.60 7.48 5.04
N PRO A 113 -9.30 7.66 6.35
CA PRO A 113 -8.15 6.97 6.94
C PRO A 113 -8.35 5.45 6.98
N VAL A 114 -7.27 4.70 7.18
CA VAL A 114 -7.26 3.24 7.07
C VAL A 114 -6.83 2.52 8.35
N ILE A 115 -7.57 1.46 8.72
CA ILE A 115 -7.19 0.59 9.82
C ILE A 115 -6.43 -0.57 9.13
N HIS A 116 -5.09 -0.54 9.15
CA HIS A 116 -4.30 -1.59 8.52
C HIS A 116 -4.38 -2.90 9.30
N ASP A 117 -4.41 -4.04 8.58
CA ASP A 117 -4.49 -5.38 9.19
C ASP A 117 -5.62 -5.48 10.23
N ALA A 118 -6.81 -5.05 9.84
CA ALA A 118 -8.01 -5.07 10.67
C ALA A 118 -8.42 -6.49 11.05
N GLN A 119 -8.02 -7.51 10.24
CA GLN A 119 -8.34 -8.93 10.51
C GLN A 119 -7.72 -9.44 11.81
N ASP A 120 -6.66 -8.77 12.31
CA ASP A 120 -5.99 -9.13 13.55
C ASP A 120 -6.58 -8.41 14.79
N LEU A 121 -7.61 -7.58 14.62
CA LEU A 121 -8.15 -6.80 15.74
C LEU A 121 -9.41 -7.32 16.39
N SER A 122 -9.51 -7.12 17.69
CA SER A 122 -10.71 -7.45 18.43
C SER A 122 -11.67 -6.22 18.38
N ILE A 123 -12.94 -6.38 18.82
CA ILE A 123 -13.89 -5.27 18.87
C ILE A 123 -13.32 -4.08 19.70
N PRO A 124 -12.76 -4.27 20.93
CA PRO A 124 -12.17 -3.11 21.64
C PRO A 124 -11.06 -2.42 20.85
N GLU A 125 -10.18 -3.18 20.18
CA GLU A 125 -9.11 -2.59 19.37
C GLU A 125 -9.67 -1.79 18.17
N ILE A 126 -10.75 -2.30 17.56
CA ILE A 126 -11.42 -1.62 16.45
C ILE A 126 -12.03 -0.30 16.95
N ALA A 127 -12.73 -0.35 18.09
CA ALA A 127 -13.37 0.83 18.68
C ALA A 127 -12.33 1.94 18.95
N LYS A 128 -11.17 1.55 19.50
CA LYS A 128 -10.09 2.48 19.78
C LYS A 128 -9.45 3.02 18.51
N ALA A 129 -9.26 2.16 17.48
CA ALA A 129 -8.64 2.60 16.23
C ALA A 129 -9.54 3.63 15.52
N ILE A 130 -10.86 3.41 15.51
CA ILE A 130 -11.80 4.36 14.90
C ILE A 130 -11.70 5.73 15.60
N VAL A 131 -11.69 5.74 16.94
CA VAL A 131 -11.59 6.97 17.71
C VAL A 131 -10.25 7.71 17.41
N ASP A 132 -9.14 6.96 17.39
CA ASP A 132 -7.83 7.54 17.07
C ASP A 132 -7.80 8.14 15.65
N LEU A 133 -8.29 7.39 14.65
CA LEU A 133 -8.28 7.87 13.26
C LEU A 133 -9.17 9.08 13.07
N ALA A 134 -10.37 9.08 13.69
CA ALA A 134 -11.29 10.21 13.57
C ALA A 134 -10.70 11.45 14.23
N ASP A 135 -10.10 11.28 15.41
CA ASP A 135 -9.48 12.40 16.13
C ASP A 135 -8.30 12.99 15.34
N ARG A 136 -7.40 12.13 14.84
CA ARG A 136 -6.24 12.62 14.09
C ARG A 136 -6.64 13.22 12.72
N SER A 137 -7.74 12.71 12.13
CA SER A 137 -8.27 13.25 10.87
C SER A 137 -8.78 14.67 11.10
N ARG A 138 -9.47 14.89 12.22
CA ARG A 138 -10.06 16.18 12.57
C ARG A 138 -9.03 17.18 13.09
N ASN A 139 -7.86 16.72 13.56
CA ASN A 139 -6.85 17.63 14.11
C ASN A 139 -5.55 17.69 13.31
N ASN A 140 -5.58 17.31 12.02
CA ASN A 140 -4.41 17.36 11.13
C ASN A 140 -3.19 16.60 11.70
N LYS A 141 -3.43 15.39 12.22
CA LYS A 141 -2.36 14.59 12.80
C LYS A 141 -2.22 13.22 12.13
N LEU A 142 -2.63 13.11 10.87
CA LEU A 142 -2.45 11.89 10.11
C LEU A 142 -1.10 11.96 9.39
N LYS A 143 -0.57 10.79 9.07
CA LYS A 143 0.61 10.64 8.25
C LYS A 143 0.12 10.12 6.89
N PRO A 144 0.90 10.30 5.80
CA PRO A 144 0.44 9.84 4.49
C PRO A 144 0.02 8.36 4.42
N ASN A 145 0.72 7.45 5.12
CA ASN A 145 0.36 6.03 5.09
C ASN A 145 -0.94 5.71 5.85
N ASP A 146 -1.45 6.65 6.67
CA ASP A 146 -2.79 6.47 7.28
C ASP A 146 -3.90 6.62 6.24
N LEU A 147 -3.63 7.21 5.05
CA LEU A 147 -4.62 7.45 4.01
C LEU A 147 -4.44 6.61 2.73
N SER A 148 -3.67 5.52 2.80
CA SER A 148 -3.42 4.70 1.61
C SER A 148 -3.34 3.21 1.98
N GLY A 149 -3.50 2.32 1.00
CA GLY A 149 -3.42 0.87 1.24
C GLY A 149 -4.73 0.17 1.56
N GLY A 150 -5.81 0.93 1.66
CA GLY A 150 -7.13 0.38 1.94
C GLY A 150 -7.58 -0.66 0.91
N THR A 151 -8.19 -1.75 1.38
CA THR A 151 -8.68 -2.79 0.50
C THR A 151 -10.21 -2.84 0.39
N PHE A 152 -10.91 -2.12 1.30
CA PHE A 152 -12.37 -2.03 1.40
C PHE A 152 -12.70 -0.81 2.29
N THR A 153 -13.87 -0.20 2.13
CA THR A 153 -14.28 0.94 2.94
C THR A 153 -15.64 0.73 3.62
N ILE A 154 -15.80 1.29 4.82
CA ILE A 154 -17.09 1.36 5.46
C ILE A 154 -17.40 2.86 5.66
N THR A 155 -18.57 3.29 5.20
CA THR A 155 -18.99 4.66 5.35
C THR A 155 -20.29 4.75 6.16
N ASN A 156 -20.26 5.45 7.30
CA ASN A 156 -21.43 5.56 8.15
C ASN A 156 -22.39 6.65 7.65
N ILE A 157 -23.16 6.33 6.62
CA ILE A 157 -24.15 7.27 6.07
C ILE A 157 -25.30 7.55 7.06
N GLY A 158 -25.55 6.65 8.01
CA GLY A 158 -26.59 6.86 9.01
C GLY A 158 -26.29 7.92 10.04
N SER A 159 -25.02 8.42 10.07
CA SER A 159 -24.59 9.47 11.00
C SER A 159 -25.43 10.72 10.82
N GLU A 160 -25.81 11.04 9.56
CA GLU A 160 -26.62 12.24 9.34
C GLU A 160 -28.07 11.93 8.92
N GLY A 161 -28.58 10.75 9.27
CA GLY A 161 -29.99 10.39 9.08
C GLY A 161 -30.40 9.59 7.86
N ALA A 162 -29.46 9.37 6.92
CA ALA A 162 -29.79 8.64 5.68
C ALA A 162 -30.16 7.18 5.90
N LEU A 163 -31.21 6.71 5.22
CA LEU A 163 -31.52 5.29 5.21
C LEU A 163 -30.54 4.55 4.31
N SER A 164 -30.19 5.18 3.16
CA SER A 164 -29.35 4.55 2.16
C SER A 164 -28.61 5.60 1.31
N ASP A 165 -27.67 5.14 0.46
CA ASP A 165 -26.90 5.98 -0.48
C ASP A 165 -26.31 5.03 -1.54
N THR A 166 -25.63 5.55 -2.56
CA THR A 166 -24.93 4.74 -3.55
C THR A 166 -23.47 5.22 -3.44
N PRO A 167 -22.77 4.90 -2.33
CA PRO A 167 -21.43 5.49 -2.11
C PRO A 167 -20.45 5.21 -3.24
N ILE A 168 -19.51 6.13 -3.46
CA ILE A 168 -18.56 5.97 -4.53
C ILE A 168 -17.32 5.21 -4.04
N LEU A 169 -16.98 4.07 -4.69
CA LEU A 169 -15.75 3.39 -4.35
C LEU A 169 -14.59 4.05 -5.11
N VAL A 170 -13.39 3.93 -4.56
CA VAL A 170 -12.21 4.48 -5.18
C VAL A 170 -11.24 3.33 -5.50
N PRO A 171 -11.04 3.01 -6.80
CA PRO A 171 -10.04 1.99 -7.17
C PRO A 171 -8.65 2.33 -6.61
N PRO A 172 -7.83 1.34 -6.21
CA PRO A 172 -7.98 -0.10 -6.47
C PRO A 172 -8.98 -0.89 -5.60
N GLN A 173 -9.73 -0.24 -4.71
CA GLN A 173 -10.75 -0.96 -3.93
C GLN A 173 -11.89 -1.44 -4.83
N ALA A 174 -12.51 -2.55 -4.44
CA ALA A 174 -13.61 -3.12 -5.19
C ALA A 174 -14.97 -3.00 -4.52
N GLY A 175 -15.01 -2.50 -3.28
CA GLY A 175 -16.26 -2.37 -2.56
C GLY A 175 -16.26 -1.34 -1.46
N ILE A 176 -17.42 -0.76 -1.21
CA ILE A 176 -17.62 0.20 -0.13
C ILE A 176 -19.01 -0.04 0.43
N LEU A 177 -19.08 -0.32 1.73
CA LEU A 177 -20.35 -0.58 2.39
C LEU A 177 -20.84 0.62 3.18
N GLY A 178 -22.10 1.00 2.99
CA GLY A 178 -22.71 2.07 3.77
C GLY A 178 -23.52 1.47 4.91
N THR A 179 -23.45 2.07 6.11
CA THR A 179 -24.27 1.62 7.22
C THR A 179 -25.35 2.69 7.39
N GLY A 180 -26.56 2.37 6.93
CA GLY A 180 -27.67 3.30 7.02
C GLY A 180 -28.08 3.57 8.46
N ALA A 181 -29.05 4.47 8.65
CA ALA A 181 -29.56 4.77 9.97
C ALA A 181 -30.32 3.54 10.48
N ILE A 182 -30.03 3.12 11.73
CA ILE A 182 -30.72 2.00 12.36
C ILE A 182 -32.00 2.55 12.93
N VAL A 183 -33.15 2.09 12.42
CA VAL A 183 -34.47 2.64 12.77
C VAL A 183 -35.43 1.52 13.20
N LYS A 184 -36.26 1.78 14.22
CA LYS A 184 -37.27 0.80 14.62
C LYS A 184 -38.34 0.78 13.53
N ARG A 185 -38.68 -0.42 13.04
CA ARG A 185 -39.67 -0.62 11.97
C ARG A 185 -40.57 -1.80 12.31
N PRO A 186 -41.83 -1.80 11.82
CA PRO A 186 -42.66 -2.99 11.97
C PRO A 186 -42.26 -3.99 10.89
N VAL A 187 -41.95 -5.23 11.28
CA VAL A 187 -41.54 -6.26 10.33
C VAL A 187 -42.32 -7.56 10.57
N VAL A 188 -42.34 -8.45 9.57
CA VAL A 188 -43.02 -9.72 9.70
C VAL A 188 -42.08 -10.83 10.18
N ILE A 189 -42.50 -11.52 11.22
CA ILE A 189 -41.81 -12.67 11.79
C ILE A 189 -42.63 -13.90 11.40
N THR A 190 -41.96 -14.99 10.98
CA THR A 190 -42.67 -16.22 10.65
C THR A 190 -42.13 -17.36 11.50
N GLU A 191 -42.96 -17.97 12.33
CA GLU A 191 -42.55 -19.06 13.21
C GLU A 191 -43.70 -20.01 13.35
N ASP A 192 -43.45 -21.31 13.15
CA ASP A 192 -44.45 -22.37 13.24
C ASP A 192 -45.69 -22.10 12.38
N GLY A 193 -45.47 -21.56 11.19
CA GLY A 193 -46.56 -21.28 10.26
C GLY A 193 -47.40 -20.06 10.59
N ILE A 194 -46.99 -19.25 11.58
CA ILE A 194 -47.72 -18.06 11.95
C ILE A 194 -46.97 -16.82 11.54
N ASP A 195 -47.61 -15.95 10.74
CA ASP A 195 -47.04 -14.67 10.35
C ASP A 195 -47.54 -13.63 11.36
N SER A 196 -46.63 -12.81 11.89
CA SER A 196 -47.01 -11.79 12.88
C SER A 196 -46.14 -10.55 12.74
N ILE A 197 -46.56 -9.42 13.34
CA ILE A 197 -45.85 -8.15 13.19
C ILE A 197 -45.10 -7.77 14.46
N ALA A 198 -43.79 -7.57 14.34
CA ALA A 198 -42.94 -7.21 15.47
C ALA A 198 -42.25 -5.86 15.25
N ILE A 199 -41.85 -5.20 16.34
CA ILE A 199 -41.07 -3.96 16.22
C ILE A 199 -39.61 -4.35 16.34
N ARG A 200 -38.81 -4.13 15.30
CA ARG A 200 -37.39 -4.49 15.32
C ARG A 200 -36.52 -3.30 14.87
N GLN A 201 -35.26 -3.25 15.33
CA GLN A 201 -34.31 -2.22 14.90
C GLN A 201 -33.75 -2.68 13.57
N MET A 202 -34.15 -2.03 12.47
CA MET A 202 -33.72 -2.44 11.14
C MET A 202 -32.73 -1.47 10.51
N VAL A 203 -31.81 -1.99 9.71
CA VAL A 203 -30.85 -1.17 8.98
C VAL A 203 -30.78 -1.61 7.52
N PHE A 204 -30.56 -0.66 6.61
CA PHE A 204 -30.28 -0.95 5.22
C PHE A 204 -28.76 -0.87 5.06
N LEU A 205 -28.17 -1.87 4.40
CA LEU A 205 -26.77 -1.88 4.11
C LEU A 205 -26.54 -1.82 2.61
N PRO A 206 -26.40 -0.62 2.03
CA PRO A 206 -26.07 -0.54 0.58
C PRO A 206 -24.59 -0.85 0.34
N LEU A 207 -24.30 -1.76 -0.56
CA LEU A 207 -22.92 -2.09 -0.92
C LEU A 207 -22.69 -1.66 -2.34
N THR A 208 -21.75 -0.73 -2.55
CA THR A 208 -21.36 -0.38 -3.90
C THR A 208 -20.18 -1.31 -4.22
N TYR A 209 -20.28 -2.02 -5.33
CA TYR A 209 -19.24 -2.93 -5.73
C TYR A 209 -18.83 -2.65 -7.17
N ASP A 210 -17.61 -3.04 -7.51
CA ASP A 210 -17.10 -2.85 -8.87
C ASP A 210 -17.42 -4.13 -9.63
N HIS A 211 -18.24 -4.04 -10.68
CA HIS A 211 -18.61 -5.18 -11.51
C HIS A 211 -17.42 -5.81 -12.25
N GLN A 212 -16.26 -5.12 -12.34
CA GLN A 212 -15.05 -5.72 -12.90
C GLN A 212 -14.54 -6.85 -11.97
N VAL A 213 -14.77 -6.71 -10.66
CA VAL A 213 -14.25 -7.63 -9.64
C VAL A 213 -15.33 -8.58 -9.10
N VAL A 214 -16.53 -8.03 -8.81
CA VAL A 214 -17.61 -8.74 -8.15
C VAL A 214 -18.88 -8.76 -9.01
N ASP A 215 -19.51 -9.94 -9.19
CA ASP A 215 -20.80 -10.02 -9.87
C ASP A 215 -21.93 -9.88 -8.81
N GLY A 216 -23.16 -9.66 -9.25
CA GLY A 216 -24.29 -9.45 -8.33
C GLY A 216 -24.52 -10.57 -7.34
N ALA A 217 -24.37 -11.82 -7.78
CA ALA A 217 -24.59 -12.98 -6.89
C ALA A 217 -23.48 -13.07 -5.84
N ASP A 218 -22.22 -12.72 -6.21
CA ASP A 218 -21.09 -12.68 -5.29
C ASP A 218 -21.34 -11.62 -4.22
N ALA A 219 -21.86 -10.44 -4.61
CA ALA A 219 -22.17 -9.37 -3.67
C ALA A 219 -23.25 -9.85 -2.67
N GLY A 220 -24.25 -10.57 -3.18
CA GLY A 220 -25.34 -11.09 -2.36
C GLY A 220 -24.86 -12.11 -1.36
N ARG A 221 -23.96 -13.00 -1.79
CA ARG A 221 -23.41 -14.03 -0.89
C ARG A 221 -22.55 -13.38 0.21
N PHE A 222 -21.79 -12.35 -0.16
CA PHE A 222 -20.94 -11.61 0.78
C PHE A 222 -21.82 -10.88 1.82
N LEU A 223 -22.88 -10.19 1.35
CA LEU A 223 -23.79 -9.47 2.23
C LEU A 223 -24.61 -10.43 3.12
N THR A 224 -24.93 -11.63 2.61
CA THR A 224 -25.65 -12.64 3.39
C THR A 224 -24.78 -13.10 4.57
N THR A 225 -23.46 -13.25 4.36
CA THR A 225 -22.55 -13.65 5.44
C THR A 225 -22.56 -12.56 6.55
N ILE A 226 -22.48 -11.29 6.15
CA ILE A 226 -22.51 -10.17 7.10
C ILE A 226 -23.84 -10.12 7.85
N LYS A 227 -24.95 -10.24 7.13
CA LYS A 227 -26.29 -10.21 7.69
C LYS A 227 -26.48 -11.32 8.74
N ASP A 228 -26.10 -12.57 8.42
CA ASP A 228 -26.27 -13.68 9.36
C ASP A 228 -25.42 -13.49 10.63
N ARG A 229 -24.20 -12.94 10.48
CA ARG A 229 -23.32 -12.68 11.63
C ARG A 229 -23.96 -11.62 12.58
N LEU A 230 -24.48 -10.53 12.00
CA LEU A 230 -25.09 -9.45 12.78
C LEU A 230 -26.43 -9.88 13.41
N GLU A 231 -27.26 -10.62 12.66
CA GLU A 231 -28.56 -11.07 13.17
C GLU A 231 -28.43 -12.08 14.31
N THR A 232 -27.45 -12.99 14.23
CA THR A 232 -27.20 -13.95 15.33
C THR A 232 -26.65 -13.19 16.55
N ALA A 233 -25.79 -12.18 16.31
CA ALA A 233 -25.19 -11.28 17.31
C ALA A 233 -24.45 -11.98 18.45
N ASN A 234 -23.69 -13.05 18.13
CA ASN A 234 -22.89 -13.74 19.13
C ASN A 234 -21.58 -12.93 19.34
N PHE A 235 -21.69 -11.78 20.02
CA PHE A 235 -20.55 -10.87 20.19
C PHE A 235 -20.14 -10.63 21.64
N GLU A 236 -20.81 -11.29 22.62
CA GLU A 236 -20.52 -11.15 24.05
C GLU A 236 -19.03 -11.37 24.36
N GLY A 237 -18.48 -12.50 23.93
CA GLY A 237 -17.07 -12.84 24.15
C GLY A 237 -16.13 -11.89 23.44
N ASP A 238 -16.55 -11.39 22.27
CA ASP A 238 -15.82 -10.44 21.44
C ASP A 238 -15.60 -9.08 22.16
N LEU A 239 -16.47 -8.73 23.12
CA LEU A 239 -16.38 -7.47 23.86
C LEU A 239 -15.26 -7.42 24.90
N GLN A 240 -14.72 -8.60 25.28
CA GLN A 240 -13.62 -8.74 26.24
C GLN A 240 -13.84 -7.94 27.53
N LEU A 241 -15.00 -8.12 28.16
CA LEU A 241 -15.34 -7.42 29.40
C LEU A 241 -15.09 -8.29 30.65
N GLY B 1 50.37 6.56 -19.07
CA GLY B 1 51.71 7.14 -18.97
C GLY B 1 51.71 8.65 -18.93
N SER B 2 50.76 9.26 -19.64
CA SER B 2 50.61 10.71 -19.71
C SER B 2 49.46 11.23 -18.87
N LEU B 3 49.10 10.54 -17.78
CA LEU B 3 48.00 10.99 -16.93
C LEU B 3 48.50 11.45 -15.55
N ARG B 4 49.30 10.63 -14.85
CA ARG B 4 49.85 10.98 -13.55
C ARG B 4 50.79 12.17 -13.70
N GLY B 5 50.67 13.14 -12.82
CA GLY B 5 51.47 14.35 -12.89
C GLY B 5 50.92 15.38 -13.86
N THR B 6 49.63 15.30 -14.19
CA THR B 6 49.00 16.28 -15.11
C THR B 6 47.73 16.87 -14.51
N THR B 7 47.28 18.00 -15.08
CA THR B 7 46.02 18.66 -14.73
C THR B 7 45.21 18.74 -16.02
N GLN B 8 44.02 18.15 -16.05
CA GLN B 8 43.21 18.10 -17.27
C GLN B 8 41.74 18.34 -16.95
N LYS B 9 41.03 18.92 -17.92
CA LYS B 9 39.59 19.11 -17.78
C LYS B 9 38.89 17.75 -17.77
N VAL B 10 37.91 17.55 -16.89
CA VAL B 10 37.18 16.29 -16.79
C VAL B 10 36.17 16.10 -17.93
N ASN B 11 35.68 14.85 -18.15
CA ASN B 11 34.66 14.63 -19.18
C ASN B 11 33.29 15.18 -18.71
N ARG B 12 32.34 15.35 -19.64
CA ARG B 12 31.03 15.93 -19.37
C ARG B 12 30.24 15.20 -18.27
N ILE B 13 30.28 13.85 -18.27
CA ILE B 13 29.60 13.07 -17.22
C ILE B 13 30.18 13.35 -15.81
N ARG B 14 31.52 13.47 -15.72
CA ARG B 14 32.19 13.76 -14.45
C ARG B 14 31.74 15.14 -13.92
N GLU B 15 31.75 16.14 -14.79
CA GLU B 15 31.39 17.51 -14.46
C GLU B 15 29.95 17.58 -13.91
N ILE B 16 28.99 16.93 -14.59
CA ILE B 16 27.59 16.91 -14.16
C ILE B 16 27.43 16.16 -12.86
N THR B 17 28.06 14.99 -12.72
CA THR B 17 27.97 14.22 -11.46
C THR B 17 28.53 15.04 -10.29
N ALA B 18 29.66 15.72 -10.50
CA ALA B 18 30.30 16.52 -9.45
C ALA B 18 29.36 17.63 -8.96
N MET B 19 28.74 18.34 -9.88
CA MET B 19 27.85 19.44 -9.60
C MET B 19 26.53 18.98 -8.93
N LYS B 20 25.90 17.91 -9.45
CA LYS B 20 24.65 17.41 -8.90
C LYS B 20 24.78 16.83 -7.48
N THR B 21 25.85 16.08 -7.21
CA THR B 21 26.00 15.42 -5.92
C THR B 21 26.34 16.40 -4.80
N VAL B 22 27.17 17.41 -5.07
CA VAL B 22 27.52 18.42 -4.06
C VAL B 22 26.26 19.20 -3.68
N GLU B 23 25.49 19.61 -4.68
CA GLU B 23 24.26 20.36 -4.47
C GLU B 23 23.19 19.53 -3.73
N ALA B 24 23.02 18.27 -4.10
CA ALA B 24 22.01 17.39 -3.50
C ALA B 24 22.11 17.31 -1.97
N LEU B 25 23.34 17.17 -1.45
CA LEU B 25 23.57 17.06 -0.01
C LEU B 25 23.20 18.32 0.76
N GLN B 26 23.31 19.48 0.12
CA GLN B 26 23.02 20.76 0.76
C GLN B 26 21.53 21.11 0.80
N ILE B 27 20.69 20.44 -0.01
CA ILE B 27 19.26 20.75 -0.03
C ILE B 27 18.39 19.57 0.47
N SER B 28 19.00 18.66 1.22
CA SER B 28 18.30 17.50 1.76
C SER B 28 18.95 17.11 3.09
N ALA B 29 18.31 16.19 3.83
CA ALA B 29 18.83 15.73 5.10
C ALA B 29 19.06 14.23 4.97
N GLN B 30 20.18 13.85 4.35
CA GLN B 30 20.43 12.45 4.05
C GLN B 30 21.01 11.64 5.19
N LEU B 31 20.49 10.42 5.34
CA LEU B 31 20.97 9.43 6.27
C LEU B 31 20.72 8.03 5.69
N THR B 32 21.54 7.05 6.10
CA THR B 32 21.45 5.72 5.52
C THR B 32 21.15 4.65 6.53
N GLN B 33 19.98 4.00 6.41
CA GLN B 33 19.56 2.92 7.30
C GLN B 33 19.91 1.56 6.65
N LEU B 34 20.37 0.61 7.45
CA LEU B 34 20.82 -0.66 6.92
C LEU B 34 20.09 -1.85 7.48
N HIS B 35 19.59 -2.72 6.59
CA HIS B 35 18.94 -3.96 6.97
C HIS B 35 19.66 -5.12 6.26
N GLU B 36 19.55 -6.34 6.81
CA GLU B 36 20.12 -7.53 6.18
C GLU B 36 18.97 -8.43 5.72
N VAL B 37 19.11 -9.04 4.54
CA VAL B 37 18.06 -9.85 3.96
C VAL B 37 18.62 -11.21 3.55
N ASP B 38 17.90 -12.30 3.85
CA ASP B 38 18.30 -13.63 3.47
C ASP B 38 17.80 -13.90 2.04
N MET B 39 18.73 -13.84 1.07
CA MET B 39 18.48 -14.04 -0.36
C MET B 39 18.57 -15.49 -0.81
N THR B 40 18.73 -16.47 0.12
CA THR B 40 18.88 -17.88 -0.29
C THR B 40 17.76 -18.40 -1.18
N ARG B 41 16.50 -18.15 -0.81
CA ARG B 41 15.38 -18.63 -1.60
C ARG B 41 15.35 -18.02 -2.99
N VAL B 42 15.68 -16.73 -3.12
CA VAL B 42 15.76 -16.08 -4.43
C VAL B 42 16.91 -16.68 -5.24
N ALA B 43 18.09 -16.88 -4.61
CA ALA B 43 19.23 -17.49 -5.28
C ALA B 43 18.92 -18.86 -5.82
N GLU B 44 18.18 -19.71 -5.04
CA GLU B 44 17.81 -21.06 -5.47
C GLU B 44 16.80 -21.01 -6.61
N LEU B 45 15.82 -20.10 -6.52
CA LEU B 45 14.81 -19.94 -7.56
C LEU B 45 15.45 -19.47 -8.87
N ARG B 46 16.40 -18.55 -8.77
CA ARG B 46 17.10 -18.02 -9.92
C ARG B 46 17.97 -19.08 -10.59
N LYS B 47 18.70 -19.88 -9.80
CA LYS B 47 19.56 -20.93 -10.32
C LYS B 47 18.75 -22.00 -11.06
N LYS B 48 17.62 -22.38 -10.49
CA LYS B 48 16.73 -23.40 -11.06
C LYS B 48 16.05 -22.94 -12.36
N ASN B 49 15.66 -21.67 -12.44
CA ASN B 49 14.93 -21.17 -13.60
C ASN B 49 15.74 -20.36 -14.61
N LYS B 50 17.04 -20.12 -14.36
CA LYS B 50 17.89 -19.36 -15.28
C LYS B 50 17.87 -19.91 -16.74
N PRO B 51 18.09 -21.23 -16.99
CA PRO B 51 18.04 -21.71 -18.39
C PRO B 51 16.70 -21.48 -19.09
N ALA B 52 15.57 -21.75 -18.42
CA ALA B 52 14.25 -21.54 -19.01
C ALA B 52 13.95 -20.05 -19.25
N PHE B 53 14.51 -19.17 -18.39
CA PHE B 53 14.30 -17.73 -18.51
C PHE B 53 15.01 -17.16 -19.73
N ILE B 54 16.28 -17.53 -19.96
CA ILE B 54 17.03 -17.06 -21.12
C ILE B 54 16.39 -17.59 -22.41
N GLU B 55 15.94 -18.85 -22.40
CA GLU B 55 15.32 -19.47 -23.58
C GLU B 55 14.01 -18.78 -23.97
N LYS B 56 13.17 -18.43 -22.99
CA LYS B 56 11.88 -17.79 -23.30
C LYS B 56 11.95 -16.28 -23.48
N HIS B 57 12.67 -15.57 -22.59
CA HIS B 57 12.69 -14.12 -22.63
C HIS B 57 13.91 -13.49 -23.32
N GLY B 58 14.91 -14.29 -23.69
CA GLY B 58 16.08 -13.79 -24.38
C GLY B 58 17.12 -13.04 -23.57
N VAL B 59 16.90 -12.87 -22.25
CA VAL B 59 17.88 -12.18 -21.41
C VAL B 59 18.29 -13.02 -20.19
N ASN B 60 19.49 -12.76 -19.66
CA ASN B 60 19.97 -13.45 -18.46
C ASN B 60 19.14 -13.02 -17.24
N LEU B 61 18.89 -13.95 -16.32
CA LEU B 61 18.13 -13.65 -15.12
C LEU B 61 19.09 -13.36 -13.97
N THR B 62 19.26 -12.09 -13.60
CA THR B 62 20.14 -11.71 -12.49
C THR B 62 19.29 -11.48 -11.20
N TYR B 63 19.90 -11.02 -10.10
CA TYR B 63 19.13 -10.71 -8.88
C TYR B 63 18.38 -9.39 -8.99
N LEU B 64 18.88 -8.44 -9.80
CA LEU B 64 18.31 -7.10 -9.93
C LEU B 64 16.81 -7.06 -10.24
N PRO B 65 16.22 -7.87 -11.18
CA PRO B 65 14.76 -7.80 -11.36
C PRO B 65 13.96 -8.21 -10.12
N PHE B 66 14.53 -9.06 -9.23
CA PHE B 66 13.84 -9.47 -8.00
C PHE B 66 13.84 -8.28 -7.03
N PHE B 67 14.99 -7.59 -6.91
CA PHE B 67 15.10 -6.39 -6.05
C PHE B 67 14.15 -5.30 -6.58
N VAL B 68 14.13 -5.08 -7.90
CA VAL B 68 13.26 -4.10 -8.54
C VAL B 68 11.79 -4.41 -8.29
N LYS B 69 11.35 -5.67 -8.50
CA LYS B 69 9.94 -6.04 -8.27
C LYS B 69 9.52 -5.76 -6.82
N ALA B 70 10.31 -6.21 -5.83
CA ALA B 70 10.01 -6.00 -4.41
C ALA B 70 10.01 -4.51 -4.03
N VAL B 71 10.97 -3.73 -4.55
CA VAL B 71 11.05 -2.30 -4.27
C VAL B 71 9.87 -1.53 -4.86
N VAL B 72 9.52 -1.81 -6.11
CA VAL B 72 8.41 -1.14 -6.79
C VAL B 72 7.06 -1.42 -6.07
N GLU B 73 6.82 -2.67 -5.65
CA GLU B 73 5.60 -3.00 -4.89
C GLU B 73 5.62 -2.25 -3.55
N ALA B 74 6.79 -2.14 -2.90
CA ALA B 74 6.91 -1.42 -1.64
C ALA B 74 6.72 0.08 -1.79
N LEU B 75 7.08 0.65 -2.96
CA LEU B 75 6.85 2.07 -3.22
C LEU B 75 5.36 2.39 -3.45
N VAL B 76 4.58 1.39 -3.89
CA VAL B 76 3.16 1.55 -4.07
C VAL B 76 2.50 1.46 -2.67
N SER B 77 2.91 0.48 -1.84
CA SER B 77 2.31 0.34 -0.51
C SER B 77 2.90 1.32 0.54
N HIS B 78 4.02 2.00 0.23
CA HIS B 78 4.58 3.04 1.09
C HIS B 78 4.65 4.32 0.24
N PRO B 79 3.48 4.95 -0.06
CA PRO B 79 3.49 6.16 -0.92
C PRO B 79 4.27 7.35 -0.36
N ASN B 80 4.48 7.36 0.98
CA ASN B 80 5.29 8.37 1.65
C ASN B 80 6.72 8.35 1.12
N VAL B 81 7.25 7.17 0.69
CA VAL B 81 8.61 7.08 0.18
C VAL B 81 8.67 7.51 -1.30
N ASN B 82 7.62 7.23 -2.10
CA ASN B 82 7.57 7.58 -3.52
C ASN B 82 7.01 8.99 -3.60
N ALA B 83 7.75 9.94 -3.05
CA ALA B 83 7.27 11.31 -2.90
C ALA B 83 8.39 12.35 -3.00
N SER B 84 8.01 13.65 -3.19
CA SER B 84 8.93 14.77 -3.30
C SER B 84 8.46 15.92 -2.41
N PHE B 85 9.38 16.60 -1.71
CA PHE B 85 9.04 17.70 -0.80
C PHE B 85 9.43 19.06 -1.35
N ASN B 86 8.53 20.04 -1.30
CA ASN B 86 8.86 21.40 -1.71
C ASN B 86 9.08 22.17 -0.41
N ALA B 87 10.35 22.47 -0.08
CA ALA B 87 10.68 23.17 1.18
C ALA B 87 10.15 24.60 1.28
N LYS B 88 9.85 25.22 0.13
CA LYS B 88 9.31 26.58 0.11
C LYS B 88 7.83 26.61 0.52
N THR B 89 7.00 25.73 -0.07
CA THR B 89 5.56 25.72 0.25
C THR B 89 5.15 24.73 1.34
N LYS B 90 6.08 23.84 1.75
CA LYS B 90 5.82 22.77 2.71
C LYS B 90 4.82 21.73 2.17
N GLU B 91 4.79 21.55 0.84
CA GLU B 91 3.89 20.59 0.24
C GLU B 91 4.62 19.33 -0.22
N MET B 92 4.01 18.19 0.02
CA MET B 92 4.56 16.91 -0.41
C MET B 92 3.76 16.44 -1.61
N THR B 93 4.45 16.00 -2.66
CA THR B 93 3.80 15.45 -3.84
C THR B 93 3.99 13.93 -3.76
N TYR B 94 2.91 13.17 -3.72
CA TYR B 94 2.95 11.71 -3.65
C TYR B 94 2.73 11.25 -5.08
N HIS B 95 3.76 10.70 -5.72
CA HIS B 95 3.65 10.31 -7.13
C HIS B 95 2.79 9.07 -7.32
N SER B 96 1.97 9.04 -8.37
CA SER B 96 1.18 7.85 -8.67
C SER B 96 2.02 6.85 -9.50
N SER B 97 2.95 7.35 -10.32
CA SER B 97 3.84 6.49 -11.08
C SER B 97 5.08 6.15 -10.24
N VAL B 98 5.62 4.94 -10.43
CA VAL B 98 6.89 4.59 -9.83
C VAL B 98 7.85 4.61 -11.03
N ASN B 99 8.67 5.67 -11.15
CA ASN B 99 9.63 5.77 -12.26
C ASN B 99 10.96 5.41 -11.63
N LEU B 100 11.39 4.17 -11.84
CA LEU B 100 12.57 3.66 -11.16
C LEU B 100 13.90 3.91 -11.87
N SER B 101 14.74 4.77 -11.27
CA SER B 101 16.08 5.03 -11.80
C SER B 101 17.00 3.87 -11.45
N ILE B 102 17.85 3.48 -12.40
CA ILE B 102 18.81 2.39 -12.23
C ILE B 102 20.20 2.98 -12.50
N ALA B 103 21.12 2.91 -11.53
CA ALA B 103 22.49 3.37 -11.75
C ALA B 103 23.19 2.40 -12.69
N VAL B 104 23.81 2.92 -13.75
CA VAL B 104 24.50 2.09 -14.75
C VAL B 104 25.96 2.59 -14.84
N ASP B 105 26.93 1.71 -14.62
CA ASP B 105 28.35 2.05 -14.74
C ASP B 105 28.70 1.93 -16.22
N THR B 106 29.04 3.05 -16.88
CA THR B 106 29.40 3.02 -18.30
C THR B 106 30.91 3.27 -18.48
N PRO B 107 31.48 3.05 -19.68
CA PRO B 107 32.92 3.32 -19.85
C PRO B 107 33.31 4.78 -19.61
N ALA B 108 32.37 5.72 -19.81
CA ALA B 108 32.59 7.15 -19.59
C ALA B 108 32.21 7.66 -18.18
N GLY B 109 31.50 6.83 -17.40
CA GLY B 109 31.06 7.22 -16.08
C GLY B 109 29.64 6.76 -15.73
N LEU B 110 29.13 7.26 -14.62
CA LEU B 110 27.81 6.90 -14.11
C LEU B 110 26.65 7.57 -14.85
N LEU B 111 25.67 6.79 -15.27
CA LEU B 111 24.43 7.34 -15.83
C LEU B 111 23.26 6.74 -15.02
N THR B 112 22.15 7.48 -14.89
CA THR B 112 21.02 6.96 -14.12
C THR B 112 19.73 6.97 -14.98
N PRO B 113 19.63 6.07 -15.99
CA PRO B 113 18.39 6.01 -16.79
C PRO B 113 17.20 5.52 -15.94
N VAL B 114 15.98 5.77 -16.44
CA VAL B 114 14.74 5.55 -15.71
C VAL B 114 13.81 4.54 -16.38
N ILE B 115 13.26 3.61 -15.59
CA ILE B 115 12.22 2.70 -16.06
C ILE B 115 10.90 3.40 -15.69
N HIS B 116 10.24 4.06 -16.64
CA HIS B 116 8.99 4.77 -16.35
C HIS B 116 7.85 3.79 -16.12
N ASP B 117 6.94 4.12 -15.18
CA ASP B 117 5.79 3.29 -14.84
C ASP B 117 6.17 1.84 -14.57
N ALA B 118 7.20 1.63 -13.73
CA ALA B 118 7.70 0.32 -13.37
C ALA B 118 6.65 -0.52 -12.63
N GLN B 119 5.67 0.13 -11.97
CA GLN B 119 4.59 -0.56 -11.25
C GLN B 119 3.71 -1.44 -12.17
N ASP B 120 3.72 -1.18 -13.47
CA ASP B 120 2.94 -1.95 -14.42
C ASP B 120 3.74 -3.09 -15.08
N LEU B 121 5.01 -3.30 -14.67
CA LEU B 121 5.85 -4.30 -15.30
C LEU B 121 5.99 -5.61 -14.56
N SER B 122 6.08 -6.70 -15.32
CA SER B 122 6.34 -8.01 -14.77
C SER B 122 7.88 -8.20 -14.64
N ILE B 123 8.35 -9.26 -13.93
CA ILE B 123 9.79 -9.54 -13.82
C ILE B 123 10.45 -9.67 -15.23
N PRO B 124 9.89 -10.43 -16.21
CA PRO B 124 10.52 -10.46 -17.54
C PRO B 124 10.62 -9.08 -18.19
N GLU B 125 9.59 -8.23 -18.07
CA GLU B 125 9.62 -6.88 -18.63
C GLU B 125 10.68 -6.02 -17.94
N ILE B 126 10.86 -6.17 -16.61
CA ILE B 126 11.87 -5.45 -15.86
C ILE B 126 13.27 -5.88 -16.32
N ALA B 127 13.49 -7.21 -16.45
CA ALA B 127 14.77 -7.77 -16.87
C ALA B 127 15.17 -7.22 -18.25
N LYS B 128 14.21 -7.16 -19.17
CA LYS B 128 14.43 -6.62 -20.52
C LYS B 128 14.69 -5.12 -20.49
N ALA B 129 13.94 -4.36 -19.66
CA ALA B 129 14.12 -2.90 -19.59
C ALA B 129 15.51 -2.56 -19.05
N ILE B 130 15.99 -3.28 -18.02
CA ILE B 130 17.32 -3.04 -17.47
C ILE B 130 18.39 -3.29 -18.56
N VAL B 131 18.28 -4.39 -19.30
CA VAL B 131 19.22 -4.71 -20.37
C VAL B 131 19.21 -3.63 -21.46
N ASP B 132 18.02 -3.19 -21.89
CA ASP B 132 17.87 -2.14 -22.88
C ASP B 132 18.49 -0.81 -22.39
N LEU B 133 18.19 -0.38 -21.17
CA LEU B 133 18.71 0.88 -20.64
C LEU B 133 20.22 0.83 -20.46
N ALA B 134 20.76 -0.30 -19.96
CA ALA B 134 22.20 -0.42 -19.77
C ALA B 134 22.91 -0.43 -21.11
N ASP B 135 22.36 -1.14 -22.11
CA ASP B 135 22.95 -1.20 -23.44
C ASP B 135 22.97 0.19 -24.10
N ARG B 136 21.84 0.90 -24.07
CA ARG B 136 21.75 2.23 -24.66
C ARG B 136 22.60 3.26 -23.90
N SER B 137 22.75 3.12 -22.57
CA SER B 137 23.60 4.02 -21.80
C SER B 137 25.07 3.81 -22.20
N ARG B 138 25.48 2.55 -22.38
CA ARG B 138 26.84 2.20 -22.75
C ARG B 138 27.18 2.50 -24.21
N ASN B 139 26.17 2.62 -25.08
CA ASN B 139 26.41 2.87 -26.50
C ASN B 139 25.91 4.22 -27.01
N ASN B 140 25.71 5.20 -26.10
CA ASN B 140 25.27 6.55 -26.44
C ASN B 140 23.99 6.57 -27.28
N LYS B 141 22.99 5.79 -26.86
CA LYS B 141 21.71 5.72 -27.58
C LYS B 141 20.51 6.06 -26.69
N LEU B 142 20.72 6.87 -25.65
CA LEU B 142 19.64 7.29 -24.76
C LEU B 142 18.95 8.53 -25.34
N LYS B 143 17.69 8.75 -24.98
CA LYS B 143 16.97 9.96 -25.37
C LYS B 143 16.76 10.80 -24.06
N PRO B 144 16.60 12.15 -24.13
CA PRO B 144 16.50 12.94 -22.87
C PRO B 144 15.50 12.43 -21.84
N ASN B 145 14.35 11.90 -22.32
CA ASN B 145 13.28 11.34 -21.49
C ASN B 145 13.79 10.16 -20.65
N ASP B 146 14.73 9.37 -21.18
CA ASP B 146 15.30 8.22 -20.45
C ASP B 146 16.02 8.64 -19.17
N LEU B 147 16.44 9.90 -19.05
CA LEU B 147 17.15 10.35 -17.87
C LEU B 147 16.34 11.29 -16.98
N SER B 148 15.00 11.35 -17.15
CA SER B 148 14.19 12.27 -16.35
C SER B 148 12.89 11.66 -15.79
N GLY B 149 12.39 12.26 -14.70
CA GLY B 149 11.16 11.83 -14.08
C GLY B 149 11.28 10.76 -13.00
N GLY B 150 12.50 10.30 -12.69
CA GLY B 150 12.70 9.28 -11.66
C GLY B 150 12.13 9.67 -10.31
N THR B 151 11.48 8.71 -9.65
CA THR B 151 10.88 8.95 -8.33
C THR B 151 11.63 8.23 -7.19
N PHE B 152 12.52 7.29 -7.53
CA PHE B 152 13.33 6.49 -6.59
C PHE B 152 14.47 5.86 -7.41
N THR B 153 15.60 5.54 -6.77
CA THR B 153 16.72 4.91 -7.47
C THR B 153 17.17 3.61 -6.80
N ILE B 154 17.63 2.65 -7.61
CA ILE B 154 18.29 1.46 -7.11
C ILE B 154 19.71 1.49 -7.69
N THR B 155 20.71 1.38 -6.82
CA THR B 155 22.09 1.35 -7.24
C THR B 155 22.76 0.02 -6.83
N ASN B 156 23.25 -0.75 -7.80
CA ASN B 156 23.88 -2.04 -7.52
C ASN B 156 25.32 -1.86 -7.07
N ILE B 157 25.52 -1.49 -5.79
CA ILE B 157 26.87 -1.32 -5.23
C ILE B 157 27.62 -2.67 -5.12
N GLY B 158 26.90 -3.79 -5.07
CA GLY B 158 27.53 -5.10 -5.02
C GLY B 158 28.22 -5.53 -6.29
N SER B 159 28.00 -4.80 -7.41
CA SER B 159 28.64 -5.12 -8.68
CA SER B 159 28.64 -5.11 -8.69
C SER B 159 30.15 -5.07 -8.58
N GLU B 160 30.69 -4.15 -7.75
CA GLU B 160 32.15 -4.08 -7.60
C GLU B 160 32.66 -4.57 -6.23
N GLY B 161 31.87 -5.41 -5.55
CA GLY B 161 32.29 -6.09 -4.32
C GLY B 161 31.88 -5.49 -2.98
N ALA B 162 31.29 -4.29 -2.98
CA ALA B 162 30.91 -3.63 -1.75
C ALA B 162 29.82 -4.34 -0.96
N LEU B 163 29.99 -4.43 0.36
CA LEU B 163 28.93 -4.94 1.23
C LEU B 163 27.88 -3.87 1.39
N SER B 164 28.30 -2.61 1.55
CA SER B 164 27.39 -1.50 1.79
CA SER B 164 27.38 -1.50 1.77
C SER B 164 28.02 -0.16 1.34
N ASP B 165 27.24 0.93 1.34
CA ASP B 165 27.66 2.30 0.98
C ASP B 165 26.61 3.25 1.62
N THR B 166 26.79 4.57 1.49
CA THR B 166 25.81 5.56 1.93
C THR B 166 25.49 6.34 0.65
N PRO B 167 24.78 5.72 -0.33
CA PRO B 167 24.60 6.38 -1.63
C PRO B 167 23.97 7.75 -1.55
N ILE B 168 24.34 8.64 -2.46
CA ILE B 168 23.79 10.00 -2.44
C ILE B 168 22.47 10.06 -3.22
N LEU B 169 21.38 10.50 -2.57
CA LEU B 169 20.12 10.70 -3.26
C LEU B 169 20.15 12.05 -3.93
N VAL B 170 19.42 12.17 -5.05
CA VAL B 170 19.34 13.42 -5.77
C VAL B 170 17.91 13.93 -5.76
N PRO B 171 17.63 15.02 -4.99
CA PRO B 171 16.29 15.64 -5.03
C PRO B 171 15.89 16.02 -6.47
N PRO B 172 14.61 15.90 -6.85
CA PRO B 172 13.42 15.70 -5.99
C PRO B 172 13.16 14.28 -5.47
N GLN B 173 14.04 13.29 -5.74
CA GLN B 173 13.83 11.94 -5.17
C GLN B 173 14.04 11.98 -3.65
N ALA B 174 13.37 11.10 -2.91
CA ALA B 174 13.50 11.04 -1.46
C ALA B 174 14.26 9.80 -0.95
N GLY B 175 14.58 8.87 -1.84
CA GLY B 175 15.28 7.65 -1.46
C GLY B 175 16.08 7.01 -2.57
N ILE B 176 17.15 6.33 -2.16
CA ILE B 176 17.99 5.55 -3.06
C ILE B 176 18.43 4.30 -2.30
N LEU B 177 18.12 3.13 -2.86
CA LEU B 177 18.48 1.87 -2.24
C LEU B 177 19.71 1.25 -2.90
N GLY B 178 20.68 0.82 -2.09
CA GLY B 178 21.84 0.12 -2.59
C GLY B 178 21.64 -1.38 -2.41
N THR B 179 22.02 -2.20 -3.42
CA THR B 179 21.96 -3.65 -3.26
C THR B 179 23.41 -4.09 -3.09
N GLY B 180 23.79 -4.43 -1.86
CA GLY B 180 25.14 -4.87 -1.58
C GLY B 180 25.49 -6.19 -2.23
N ALA B 181 26.73 -6.64 -2.05
CA ALA B 181 27.15 -7.93 -2.59
C ALA B 181 26.42 -9.03 -1.83
N ILE B 182 25.85 -10.00 -2.55
CA ILE B 182 25.16 -11.14 -1.93
C ILE B 182 26.24 -12.14 -1.61
N VAL B 183 26.47 -12.43 -0.32
CA VAL B 183 27.56 -13.29 0.14
C VAL B 183 27.06 -14.42 1.04
N LYS B 184 27.62 -15.64 0.90
CA LYS B 184 27.25 -16.72 1.81
C LYS B 184 27.85 -16.39 3.19
N ARG B 185 27.02 -16.44 4.24
CA ARG B 185 27.42 -16.15 5.61
C ARG B 185 26.85 -17.17 6.56
N PRO B 186 27.53 -17.43 7.70
CA PRO B 186 26.91 -18.26 8.74
C PRO B 186 25.92 -17.40 9.52
N VAL B 187 24.67 -17.84 9.66
CA VAL B 187 23.64 -17.09 10.40
C VAL B 187 22.90 -18.00 11.38
N VAL B 188 22.21 -17.41 12.36
CA VAL B 188 21.45 -18.17 13.32
C VAL B 188 20.00 -18.35 12.89
N ILE B 189 19.53 -19.60 12.92
CA ILE B 189 18.15 -19.98 12.64
C ILE B 189 17.54 -20.37 13.99
N THR B 190 16.30 -19.95 14.27
CA THR B 190 15.63 -20.33 15.51
C THR B 190 14.31 -21.02 15.17
N GLU B 191 14.16 -22.28 15.56
CA GLU B 191 12.93 -23.04 15.29
C GLU B 191 12.69 -23.96 16.44
N ASP B 192 11.46 -23.97 16.99
CA ASP B 192 11.06 -24.80 18.11
C ASP B 192 11.99 -24.68 19.31
N GLY B 193 12.43 -23.46 19.58
CA GLY B 193 13.30 -23.20 20.72
C GLY B 193 14.74 -23.62 20.56
N ILE B 194 15.14 -24.03 19.35
CA ILE B 194 16.51 -24.45 19.10
C ILE B 194 17.22 -23.43 18.24
N ASP B 195 18.36 -22.91 18.73
CA ASP B 195 19.20 -21.98 17.97
C ASP B 195 20.27 -22.82 17.28
N SER B 196 20.48 -22.58 15.98
CA SER B 196 21.46 -23.34 15.22
C SER B 196 22.11 -22.48 14.12
N ILE B 197 23.25 -22.92 13.56
CA ILE B 197 23.98 -22.13 12.57
C ILE B 197 23.84 -22.68 11.15
N ALA B 198 23.33 -21.85 10.24
CA ALA B 198 23.13 -22.25 8.85
C ALA B 198 23.95 -21.39 7.90
N ILE B 199 24.25 -21.92 6.69
CA ILE B 199 24.94 -21.13 5.68
C ILE B 199 23.86 -20.55 4.78
N ARG B 200 23.73 -19.23 4.73
CA ARG B 200 22.71 -18.58 3.90
C ARG B 200 23.32 -17.47 3.03
N GLN B 201 22.69 -17.19 1.88
CA GLN B 201 23.13 -16.09 1.00
C GLN B 201 22.56 -14.81 1.59
N MET B 202 23.41 -13.97 2.19
CA MET B 202 22.94 -12.75 2.83
C MET B 202 23.33 -11.48 2.07
N VAL B 203 22.47 -10.46 2.13
CA VAL B 203 22.75 -9.18 1.50
C VAL B 203 22.44 -8.03 2.48
N PHE B 204 23.22 -6.96 2.42
CA PHE B 204 22.94 -5.73 3.15
C PHE B 204 22.26 -4.78 2.18
N LEU B 205 21.15 -4.18 2.60
CA LEU B 205 20.45 -3.21 1.79
C LEU B 205 20.51 -1.85 2.47
N PRO B 206 21.50 -1.01 2.16
CA PRO B 206 21.51 0.35 2.72
C PRO B 206 20.52 1.26 1.96
N LEU B 207 19.65 1.95 2.68
CA LEU B 207 18.72 2.87 2.09
C LEU B 207 19.08 4.28 2.55
N THR B 208 19.45 5.14 1.60
CA THR B 208 19.64 6.54 1.95
C THR B 208 18.28 7.20 1.74
N TYR B 209 17.79 7.89 2.76
CA TYR B 209 16.50 8.56 2.67
C TYR B 209 16.66 10.01 3.10
N ASP B 210 15.74 10.84 2.63
CA ASP B 210 15.76 12.26 2.99
C ASP B 210 14.85 12.40 4.22
N HIS B 211 15.44 12.84 5.36
CA HIS B 211 14.69 13.05 6.61
C HIS B 211 13.59 14.14 6.49
N GLN B 212 13.63 14.97 5.44
CA GLN B 212 12.54 15.92 5.18
C GLN B 212 11.25 15.18 4.79
N VAL B 213 11.39 14.02 4.12
CA VAL B 213 10.27 13.26 3.57
C VAL B 213 9.86 12.11 4.50
N VAL B 214 10.82 11.30 5.02
CA VAL B 214 10.45 10.21 5.92
C VAL B 214 11.29 10.17 7.18
N ASP B 215 10.72 9.61 8.24
CA ASP B 215 11.41 9.40 9.51
C ASP B 215 12.11 8.02 9.50
N GLY B 216 12.97 7.76 10.47
CA GLY B 216 13.65 6.49 10.60
C GLY B 216 12.74 5.28 10.74
N ALA B 217 11.62 5.42 11.46
CA ALA B 217 10.68 4.31 11.62
C ALA B 217 9.95 4.02 10.29
N ASP B 218 9.65 5.06 9.50
CA ASP B 218 9.02 4.91 8.18
C ASP B 218 9.99 4.17 7.24
N ALA B 219 11.29 4.50 7.29
CA ALA B 219 12.29 3.81 6.48
C ALA B 219 12.37 2.33 6.87
N GLY B 220 12.30 2.04 8.17
CA GLY B 220 12.34 0.68 8.69
C GLY B 220 11.15 -0.13 8.25
N ARG B 221 9.96 0.48 8.27
CA ARG B 221 8.75 -0.21 7.84
C ARG B 221 8.79 -0.49 6.34
N PHE B 222 9.33 0.46 5.53
CA PHE B 222 9.47 0.29 4.08
C PHE B 222 10.48 -0.84 3.77
N LEU B 223 11.62 -0.85 4.47
CA LEU B 223 12.62 -1.89 4.28
C LEU B 223 12.15 -3.27 4.77
N THR B 224 11.32 -3.30 5.82
CA THR B 224 10.75 -4.55 6.33
C THR B 224 9.81 -5.16 5.27
N THR B 225 9.04 -4.33 4.56
CA THR B 225 8.15 -4.83 3.50
C THR B 225 8.99 -5.50 2.39
N ILE B 226 10.08 -4.84 1.97
CA ILE B 226 10.98 -5.37 0.94
C ILE B 226 11.63 -6.68 1.42
N LYS B 227 12.15 -6.68 2.64
CA LYS B 227 12.80 -7.85 3.23
C LYS B 227 11.86 -9.06 3.28
N ASP B 228 10.63 -8.87 3.77
CA ASP B 228 9.67 -9.99 3.87
C ASP B 228 9.31 -10.56 2.49
N ARG B 229 9.18 -9.67 1.47
CA ARG B 229 8.88 -10.12 0.11
C ARG B 229 10.01 -10.98 -0.46
N LEU B 230 11.26 -10.52 -0.30
CA LEU B 230 12.44 -11.23 -0.79
C LEU B 230 12.70 -12.54 -0.03
N GLU B 231 12.54 -12.53 1.29
CA GLU B 231 12.77 -13.73 2.11
C GLU B 231 11.74 -14.82 1.86
N THR B 232 10.46 -14.46 1.65
CA THR B 232 9.43 -15.45 1.31
C THR B 232 9.70 -16.00 -0.11
N ALA B 233 10.15 -15.13 -1.03
CA ALA B 233 10.52 -15.43 -2.41
C ALA B 233 9.44 -16.14 -3.24
N ASN B 234 8.19 -15.72 -3.09
CA ASN B 234 7.08 -16.29 -3.87
C ASN B 234 7.10 -15.61 -5.26
N PHE B 235 8.08 -15.96 -6.10
CA PHE B 235 8.24 -15.32 -7.40
C PHE B 235 8.10 -16.26 -8.60
N GLU B 236 7.77 -17.55 -8.40
CA GLU B 236 7.67 -18.48 -9.54
C GLU B 236 6.64 -18.04 -10.59
N GLY B 237 5.45 -17.66 -10.15
CA GLY B 237 4.41 -17.17 -11.06
C GLY B 237 4.82 -15.89 -11.77
N ASP B 238 5.57 -15.03 -11.07
CA ASP B 238 6.08 -13.77 -11.60
C ASP B 238 7.09 -13.97 -12.76
N LEU B 239 7.75 -15.15 -12.83
CA LEU B 239 8.72 -15.44 -13.89
C LEU B 239 8.11 -15.72 -15.25
N GLN B 240 6.79 -16.00 -15.30
CA GLN B 240 6.02 -16.25 -16.52
C GLN B 240 6.70 -17.24 -17.46
N LEU B 241 7.04 -18.42 -16.93
CA LEU B 241 7.68 -19.46 -17.74
C LEU B 241 6.62 -20.41 -18.32
#